data_1TRO
#
_entry.id   1TRO
#
_cell.length_a   43.650
_cell.length_b   72.430
_cell.length_c   107.390
_cell.angle_alpha   90.00
_cell.angle_beta   94.96
_cell.angle_gamma   90.00
#
_symmetry.space_group_name_H-M   'P 1 21 1'
#
loop_
_entity.id
_entity.type
_entity.pdbx_description
1 polymer "DNA (5'-D(*TP*GP*TP*AP*CP*TP*AP*GP*TP*TP*AP*AP*CP*TP*AP*GP*T P*AP*C)-3')"
2 polymer 'PROTEIN (TRP REPRESSOR)'
3 non-polymer TRYPTOPHAN
4 water water
#
loop_
_entity_poly.entity_id
_entity_poly.type
_entity_poly.pdbx_seq_one_letter_code
_entity_poly.pdbx_strand_id
1 'polydeoxyribonucleotide' (DT)(DG)(DT)(DA)(DC)(DT)(DA)(DG)(DT)(DT)(DA)(DA)(DC)(DT)(DA)(DG)(DT)(DA)(DC) I,J,K,L
2 'polypeptide(L)'
;MAQQSPYSAAMAEERHQEWLRFVDLLKNAYQNDLHLPLLNLMLTPDEREALGTRVRIVEELLRGEMSQRELKNELGAGIA
TITRGSNSLKAAPVELRQWLEEVLLKSD
;
A,C,E,G
#
# COMPACT_ATOMS: atom_id res chain seq x y z
N SER E 5 6.14 -28.96 -23.24
CA SER E 5 6.69 -28.60 -24.55
C SER E 5 7.78 -29.59 -24.96
N PRO E 6 8.32 -29.31 -26.12
CA PRO E 6 9.42 -30.13 -26.72
C PRO E 6 10.66 -29.22 -26.59
N TYR E 7 10.49 -28.17 -25.78
CA TYR E 7 11.52 -27.18 -25.59
C TYR E 7 11.70 -26.51 -24.25
N SER E 8 11.95 -25.20 -24.33
CA SER E 8 12.29 -24.34 -23.22
C SER E 8 11.51 -24.63 -21.95
N ALA E 9 10.21 -24.53 -22.06
CA ALA E 9 9.27 -24.73 -20.95
C ALA E 9 9.56 -26.04 -20.21
N ALA E 10 9.88 -27.06 -21.01
CA ALA E 10 10.07 -28.42 -20.46
C ALA E 10 11.38 -28.51 -19.70
N MET E 11 12.33 -27.71 -20.19
CA MET E 11 13.70 -27.68 -19.62
C MET E 11 13.68 -27.05 -18.23
N ALA E 12 12.89 -26.02 -18.10
CA ALA E 12 12.64 -25.31 -16.85
C ALA E 12 11.99 -26.28 -15.86
N GLU E 13 10.97 -26.99 -16.32
CA GLU E 13 10.35 -28.01 -15.45
C GLU E 13 11.33 -29.04 -14.89
N GLU E 14 12.37 -29.44 -15.63
CA GLU E 14 13.31 -30.43 -15.11
C GLU E 14 14.21 -29.91 -14.00
N ARG E 15 14.67 -28.69 -14.18
CA ARG E 15 15.51 -27.99 -13.21
C ARG E 15 14.73 -27.89 -11.91
N HIS E 16 13.44 -27.61 -12.09
CA HIS E 16 12.51 -27.55 -11.00
C HIS E 16 12.50 -28.85 -10.20
N GLN E 17 12.33 -29.98 -10.88
CA GLN E 17 12.29 -31.30 -10.25
C GLN E 17 13.59 -31.57 -9.52
N GLU E 18 14.76 -31.27 -10.11
CA GLU E 18 16.04 -31.50 -9.46
C GLU E 18 16.19 -30.74 -8.15
N TRP E 19 15.60 -29.56 -8.15
CA TRP E 19 15.53 -28.71 -6.92
C TRP E 19 14.60 -29.37 -5.93
N LEU E 20 13.45 -29.86 -6.34
CA LEU E 20 12.56 -30.47 -5.31
C LEU E 20 13.32 -31.64 -4.65
N ARG E 21 14.14 -32.32 -5.45
CA ARG E 21 14.96 -33.39 -4.82
C ARG E 21 15.79 -32.93 -3.65
N PHE E 22 16.48 -31.81 -3.77
CA PHE E 22 17.24 -31.21 -2.69
C PHE E 22 16.32 -30.92 -1.48
N VAL E 23 15.10 -30.52 -1.82
CA VAL E 23 14.18 -30.08 -0.68
C VAL E 23 13.83 -31.34 0.15
N ASP E 24 13.54 -32.41 -0.59
CA ASP E 24 13.20 -33.69 0.04
C ASP E 24 14.35 -34.38 0.76
N LEU E 25 15.54 -34.26 0.16
CA LEU E 25 16.70 -34.83 0.94
C LEU E 25 16.89 -34.02 2.18
N LEU E 26 16.77 -32.66 2.14
CA LEU E 26 17.00 -31.92 3.43
C LEU E 26 15.91 -32.27 4.47
N LYS E 27 14.68 -32.40 3.98
CA LYS E 27 13.67 -32.77 5.01
C LYS E 27 14.04 -34.01 5.81
N ASN E 28 14.47 -35.01 5.08
CA ASN E 28 14.87 -36.37 5.62
C ASN E 28 16.09 -36.21 6.54
N ALA E 29 17.01 -35.29 6.19
CA ALA E 29 18.16 -34.97 7.03
C ALA E 29 17.73 -34.37 8.35
N TYR E 30 16.78 -33.41 8.36
CA TYR E 30 16.28 -32.88 9.65
C TYR E 30 15.67 -33.99 10.52
N GLN E 31 14.97 -34.92 9.95
CA GLN E 31 14.30 -36.04 10.68
C GLN E 31 15.32 -36.97 11.33
N ASN E 32 16.52 -36.96 10.77
CA ASN E 32 17.62 -37.80 11.30
C ASN E 32 18.68 -36.98 12.00
N ASP E 33 18.49 -35.73 12.32
CA ASP E 33 19.56 -34.93 12.92
C ASP E 33 20.86 -34.89 12.11
N LEU E 34 20.84 -34.87 10.81
CA LEU E 34 22.00 -34.79 9.92
C LEU E 34 21.88 -33.53 9.02
N HIS E 35 20.98 -32.63 9.45
CA HIS E 35 20.79 -31.40 8.64
C HIS E 35 22.02 -30.54 8.54
N LEU E 36 22.76 -30.40 9.63
CA LEU E 36 23.96 -29.53 9.65
C LEU E 36 25.10 -30.00 8.80
N PRO E 37 25.47 -31.29 8.91
CA PRO E 37 26.55 -31.83 8.08
C PRO E 37 26.11 -31.81 6.60
N LEU E 38 24.82 -32.06 6.36
CA LEU E 38 24.29 -32.00 4.99
C LEU E 38 24.41 -30.62 4.38
N LEU E 39 24.11 -29.61 5.23
CA LEU E 39 24.16 -28.20 4.68
C LEU E 39 25.63 -27.77 4.62
N ASN E 40 26.51 -28.30 5.45
CA ASN E 40 27.97 -27.96 5.34
C ASN E 40 28.52 -28.61 4.06
N LEU E 41 27.94 -29.71 3.60
CA LEU E 41 28.40 -30.37 2.38
C LEU E 41 27.87 -29.73 1.11
N MET E 42 26.61 -29.29 1.16
CA MET E 42 25.92 -28.78 0.00
C MET E 42 26.07 -27.26 -0.25
N LEU E 43 26.46 -26.49 0.74
CA LEU E 43 26.63 -25.03 0.51
C LEU E 43 28.12 -24.67 0.67
N THR E 44 28.45 -23.46 0.17
CA THR E 44 29.85 -22.94 0.46
C THR E 44 29.76 -22.01 1.64
N PRO E 45 30.90 -21.72 2.29
CA PRO E 45 30.95 -20.77 3.42
C PRO E 45 30.37 -19.37 3.04
N ASP E 46 30.69 -18.87 1.89
CA ASP E 46 30.21 -17.54 1.43
C ASP E 46 28.68 -17.56 1.31
N GLU E 47 28.15 -18.67 0.80
CA GLU E 47 26.72 -18.93 0.73
C GLU E 47 26.04 -18.99 2.10
N ARG E 48 26.55 -19.67 3.12
CA ARG E 48 25.96 -19.63 4.45
C ARG E 48 25.92 -18.20 4.98
N GLU E 49 27.02 -17.44 4.81
CA GLU E 49 27.12 -16.10 5.38
C GLU E 49 26.07 -15.19 4.71
N ALA E 50 25.99 -15.32 3.37
CA ALA E 50 24.93 -14.48 2.71
C ALA E 50 23.56 -14.74 3.27
N LEU E 51 23.15 -16.00 3.45
CA LEU E 51 21.87 -16.37 4.02
C LEU E 51 21.68 -15.67 5.35
N GLY E 52 22.75 -15.72 6.16
CA GLY E 52 22.67 -15.07 7.49
C GLY E 52 22.26 -13.60 7.35
N THR E 53 22.86 -12.88 6.44
CA THR E 53 22.54 -11.46 6.15
C THR E 53 21.11 -11.24 5.65
N ARG E 54 20.60 -12.13 4.81
CA ARG E 54 19.23 -12.09 4.25
C ARG E 54 18.17 -12.34 5.32
N VAL E 55 18.46 -13.22 6.28
CA VAL E 55 17.49 -13.45 7.37
C VAL E 55 17.42 -12.22 8.29
N ARG E 56 18.52 -11.54 8.48
CA ARG E 56 18.55 -10.34 9.36
C ARG E 56 17.75 -9.22 8.70
N ILE E 57 17.91 -9.09 7.39
CA ILE E 57 17.16 -8.04 6.63
C ILE E 57 15.66 -8.31 6.70
N VAL E 58 15.23 -9.52 6.40
CA VAL E 58 13.80 -9.89 6.45
C VAL E 58 13.23 -9.56 7.84
N GLU E 59 13.91 -9.93 8.91
CA GLU E 59 13.50 -9.71 10.29
C GLU E 59 13.32 -8.19 10.56
N GLU E 60 14.36 -7.40 10.30
CA GLU E 60 14.32 -5.96 10.46
C GLU E 60 13.32 -5.26 9.58
N LEU E 61 12.97 -5.69 8.38
CA LEU E 61 12.01 -5.11 7.49
C LEU E 61 10.57 -5.45 8.01
N LEU E 62 10.52 -6.55 8.75
CA LEU E 62 9.21 -6.95 9.32
C LEU E 62 8.92 -6.03 10.51
N ARG E 63 9.91 -5.97 11.37
CA ARG E 63 9.91 -5.11 12.56
C ARG E 63 9.46 -3.69 12.25
N GLY E 64 9.95 -3.06 11.20
CA GLY E 64 9.55 -1.73 10.76
C GLY E 64 9.92 -0.60 11.69
N GLU E 65 10.94 -0.72 12.50
CA GLU E 65 11.43 0.29 13.42
C GLU E 65 12.70 0.99 12.99
N MET E 66 13.25 0.56 11.88
CA MET E 66 14.49 1.15 11.30
C MET E 66 14.20 1.55 9.87
N SER E 67 14.76 2.69 9.41
CA SER E 67 14.51 3.02 7.99
C SER E 67 15.48 2.14 7.16
N GLN E 68 15.22 2.01 5.88
CA GLN E 68 16.07 1.21 4.97
C GLN E 68 17.51 1.69 4.94
N ARG E 69 17.75 3.03 4.93
CA ARG E 69 19.13 3.53 4.98
C ARG E 69 19.80 3.21 6.30
N GLU E 70 19.01 3.15 7.34
CA GLU E 70 19.51 2.81 8.68
C GLU E 70 19.94 1.33 8.74
N LEU E 71 19.12 0.51 8.15
CA LEU E 71 19.38 -0.96 8.06
C LEU E 71 20.69 -1.19 7.30
N LYS E 72 20.80 -0.58 6.13
CA LYS E 72 22.00 -0.73 5.28
C LYS E 72 23.26 -0.37 6.02
N ASN E 73 23.27 0.78 6.69
CA ASN E 73 24.44 1.25 7.47
C ASN E 73 24.80 0.29 8.60
N GLU E 74 23.81 -0.20 9.31
CA GLU E 74 24.04 -1.20 10.37
C GLU E 74 24.77 -2.47 9.90
N LEU E 75 24.40 -2.96 8.73
CA LEU E 75 24.85 -4.25 8.19
C LEU E 75 26.06 -4.16 7.28
N GLY E 76 26.47 -2.96 6.93
CA GLY E 76 27.50 -2.71 5.93
C GLY E 76 27.04 -3.25 4.59
N ALA E 77 25.75 -3.10 4.27
CA ALA E 77 25.16 -3.63 3.03
C ALA E 77 24.88 -2.57 1.99
N GLY E 78 24.74 -2.98 0.73
CA GLY E 78 24.24 -2.01 -0.29
C GLY E 78 22.69 -1.95 -0.09
N ILE E 79 22.18 -0.73 -0.24
CA ILE E 79 20.72 -0.51 -0.23
C ILE E 79 20.07 -1.44 -1.24
N ALA E 80 20.67 -1.73 -2.41
CA ALA E 80 20.01 -2.68 -3.33
C ALA E 80 19.73 -4.06 -2.77
N THR E 81 20.48 -4.55 -1.80
CA THR E 81 20.22 -5.85 -1.10
C THR E 81 18.97 -5.69 -0.25
N ILE E 82 18.86 -4.55 0.46
CA ILE E 82 17.65 -4.31 1.28
C ILE E 82 16.42 -4.32 0.34
N THR E 83 16.48 -3.67 -0.80
CA THR E 83 15.43 -3.64 -1.82
C THR E 83 14.99 -5.01 -2.28
N ARG E 84 15.98 -5.88 -2.53
CA ARG E 84 15.71 -7.28 -2.87
C ARG E 84 14.85 -7.97 -1.79
N GLY E 85 15.16 -7.73 -0.57
CA GLY E 85 14.45 -8.21 0.62
C GLY E 85 12.99 -7.72 0.57
N SER E 86 12.90 -6.40 0.34
CA SER E 86 11.58 -5.73 0.32
C SER E 86 10.69 -6.26 -0.77
N ASN E 87 11.20 -6.33 -1.99
CA ASN E 87 10.44 -6.84 -3.13
C ASN E 87 10.07 -8.31 -2.98
N SER E 88 10.94 -9.08 -2.36
CA SER E 88 10.70 -10.51 -2.11
C SER E 88 9.56 -10.66 -1.10
N LEU E 89 9.61 -9.98 0.02
CA LEU E 89 8.54 -9.98 1.01
C LEU E 89 7.20 -9.64 0.33
N LYS E 90 7.21 -8.65 -0.54
CA LYS E 90 6.01 -8.23 -1.26
C LYS E 90 5.44 -9.38 -2.08
N ALA E 91 6.30 -10.19 -2.68
CA ALA E 91 5.85 -11.32 -3.48
C ALA E 91 5.53 -12.58 -2.66
N ALA E 92 5.70 -12.61 -1.36
CA ALA E 92 5.45 -13.84 -0.58
C ALA E 92 3.94 -14.03 -0.31
N PRO E 93 3.56 -15.28 -0.09
CA PRO E 93 2.15 -15.58 0.29
C PRO E 93 1.84 -14.90 1.60
N VAL E 94 0.54 -14.57 1.81
CA VAL E 94 0.17 -13.92 3.08
C VAL E 94 0.49 -14.81 4.25
N GLU E 95 0.15 -16.08 4.06
CA GLU E 95 0.40 -17.09 5.11
C GLU E 95 1.86 -17.00 5.59
N LEU E 96 2.80 -17.03 4.63
CA LEU E 96 4.24 -16.98 5.11
C LEU E 96 4.54 -15.77 5.95
N ARG E 97 4.12 -14.60 5.44
CA ARG E 97 4.27 -13.33 6.15
C ARG E 97 3.69 -13.30 7.53
N GLN E 98 2.50 -13.89 7.69
CA GLN E 98 1.88 -14.00 9.02
C GLN E 98 2.72 -14.87 9.96
N TRP E 99 3.16 -16.02 9.46
CA TRP E 99 4.01 -16.93 10.25
C TRP E 99 5.33 -16.28 10.65
N LEU E 100 5.99 -15.61 9.72
CA LEU E 100 7.28 -14.96 10.03
C LEU E 100 7.13 -13.93 11.15
N GLU E 101 6.06 -13.14 11.03
CA GLU E 101 5.85 -12.06 12.05
C GLU E 101 5.66 -12.72 13.41
N GLU E 102 4.99 -13.86 13.34
CA GLU E 102 4.67 -14.65 14.52
C GLU E 102 5.92 -15.24 15.15
N VAL E 103 6.84 -15.81 14.36
CA VAL E 103 8.04 -16.42 14.89
C VAL E 103 9.18 -15.48 15.19
N LEU E 104 9.59 -14.69 14.22
CA LEU E 104 10.79 -13.84 14.33
C LEU E 104 10.61 -12.68 15.31
N LEU E 105 9.53 -11.94 15.05
CA LEU E 105 9.14 -10.70 15.67
C LEU E 105 9.35 -10.61 17.17
N LYS E 106 8.66 -11.50 17.86
CA LYS E 106 8.72 -11.55 19.33
C LYS E 106 9.93 -12.41 19.73
N SER E 107 9.78 -13.68 19.36
CA SER E 107 10.84 -14.68 19.64
C SER E 107 12.14 -14.07 19.12
N ASP E 108 12.27 -14.12 17.79
CA ASP E 108 13.41 -13.52 17.10
C ASP E 108 14.43 -14.49 16.54
N ALA F 10 35.57 -9.98 12.03
CA ALA F 10 34.70 -10.86 12.83
C ALA F 10 33.24 -10.48 12.63
N MET F 11 33.04 -9.68 11.58
CA MET F 11 31.65 -9.39 11.13
C MET F 11 31.13 -10.79 10.73
N ALA F 12 32.11 -11.62 10.37
CA ALA F 12 31.94 -12.99 9.93
C ALA F 12 31.38 -13.91 11.02
N GLU F 13 31.92 -13.78 12.21
CA GLU F 13 31.50 -14.61 13.35
C GLU F 13 29.99 -14.32 13.54
N GLU F 14 29.69 -13.04 13.31
CA GLU F 14 28.31 -12.58 13.54
C GLU F 14 27.37 -13.08 12.47
N ARG F 15 27.86 -13.10 11.24
CA ARG F 15 27.01 -13.60 10.16
C ARG F 15 26.80 -15.11 10.29
N HIS F 16 27.73 -15.73 11.00
CA HIS F 16 27.66 -17.18 11.27
C HIS F 16 26.58 -17.55 12.27
N GLN F 17 26.38 -16.69 13.26
CA GLN F 17 25.35 -16.97 14.29
C GLN F 17 23.97 -16.75 13.67
N GLU F 18 23.93 -15.86 12.68
CA GLU F 18 22.64 -15.58 12.00
C GLU F 18 22.32 -16.71 11.03
N TRP F 19 23.34 -17.21 10.37
CA TRP F 19 23.12 -18.47 9.52
C TRP F 19 22.52 -19.53 10.42
N LEU F 20 23.07 -19.80 11.61
CA LEU F 20 22.52 -20.89 12.46
C LEU F 20 21.04 -20.64 12.74
N ARG F 21 20.72 -19.38 13.02
CA ARG F 21 19.31 -18.95 13.17
C ARG F 21 18.45 -19.31 11.97
N PHE F 22 18.94 -19.07 10.77
CA PHE F 22 18.18 -19.47 9.56
C PHE F 22 17.91 -20.99 9.54
N VAL F 23 18.88 -21.79 9.99
CA VAL F 23 18.76 -23.30 9.98
C VAL F 23 17.58 -23.68 10.86
N ASP F 24 17.54 -23.08 12.02
CA ASP F 24 16.46 -23.20 12.98
C ASP F 24 15.09 -22.80 12.45
N LEU F 25 14.99 -21.63 11.83
CA LEU F 25 13.75 -21.14 11.20
C LEU F 25 13.24 -22.14 10.15
N LEU F 26 14.21 -22.59 9.34
CA LEU F 26 13.85 -23.56 8.30
C LEU F 26 13.27 -24.82 8.88
N LYS F 27 13.92 -25.32 9.92
CA LYS F 27 13.42 -26.53 10.61
C LYS F 27 11.94 -26.37 11.02
N ASN F 28 11.64 -25.18 11.53
CA ASN F 28 10.27 -24.85 11.98
C ASN F 28 9.28 -24.69 10.82
N ALA F 29 9.77 -24.22 9.66
CA ALA F 29 8.98 -24.12 8.45
C ALA F 29 8.60 -25.50 7.93
N TYR F 30 9.56 -26.43 7.88
CA TYR F 30 9.21 -27.80 7.42
C TYR F 30 8.02 -28.32 8.29
N GLN F 31 8.05 -28.10 9.57
CA GLN F 31 7.05 -28.55 10.53
C GLN F 31 5.65 -27.97 10.31
N ASN F 32 5.53 -26.88 9.57
CA ASN F 32 4.30 -26.14 9.33
C ASN F 32 3.93 -26.10 7.87
N ASP F 33 4.55 -26.95 7.10
CA ASP F 33 4.35 -26.96 5.64
C ASP F 33 4.58 -25.59 4.95
N LEU F 34 5.52 -24.80 5.41
CA LEU F 34 5.86 -23.53 4.73
C LEU F 34 7.34 -23.52 4.33
N HIS F 35 7.92 -24.71 4.12
CA HIS F 35 9.34 -24.72 3.66
C HIS F 35 9.49 -24.15 2.26
N LEU F 36 8.59 -24.50 1.33
CA LEU F 36 8.71 -24.12 -0.07
C LEU F 36 8.74 -22.58 -0.15
N PRO F 37 7.65 -21.97 0.32
CA PRO F 37 7.54 -20.48 0.27
C PRO F 37 8.77 -19.85 0.98
N LEU F 38 9.17 -20.36 2.14
CA LEU F 38 10.40 -19.90 2.82
C LEU F 38 11.61 -19.96 1.89
N LEU F 39 11.83 -21.11 1.25
CA LEU F 39 12.98 -21.21 0.33
C LEU F 39 12.88 -20.31 -0.86
N ASN F 40 11.74 -20.10 -1.45
CA ASN F 40 11.51 -19.18 -2.57
C ASN F 40 11.84 -17.74 -2.11
N LEU F 41 11.61 -17.40 -0.89
CA LEU F 41 11.89 -16.03 -0.41
C LEU F 41 13.43 -15.89 -0.20
N MET F 42 14.02 -16.93 0.39
CA MET F 42 15.41 -16.79 0.84
C MET F 42 16.46 -17.04 -0.22
N LEU F 43 16.19 -17.75 -1.27
CA LEU F 43 17.19 -18.14 -2.28
C LEU F 43 16.79 -17.48 -3.59
N THR F 44 17.74 -17.36 -4.49
CA THR F 44 17.42 -16.84 -5.84
C THR F 44 17.22 -18.04 -6.77
N PRO F 45 16.50 -17.87 -7.85
CA PRO F 45 16.39 -18.89 -8.90
C PRO F 45 17.68 -19.61 -9.22
N ASP F 46 18.71 -18.91 -9.60
CA ASP F 46 20.06 -19.49 -9.86
C ASP F 46 20.60 -20.37 -8.74
N GLU F 47 20.49 -19.99 -7.51
CA GLU F 47 20.97 -20.75 -6.35
C GLU F 47 20.18 -22.06 -6.25
N ARG F 48 18.84 -21.99 -6.38
CA ARG F 48 18.03 -23.22 -6.44
C ARG F 48 18.49 -24.18 -7.55
N GLU F 49 18.77 -23.74 -8.76
CA GLU F 49 19.26 -24.57 -9.85
C GLU F 49 20.62 -25.20 -9.58
N ALA F 50 21.50 -24.43 -8.91
CA ALA F 50 22.85 -24.92 -8.59
C ALA F 50 22.72 -25.99 -7.50
N LEU F 51 21.81 -25.86 -6.54
CA LEU F 51 21.66 -26.88 -5.49
C LEU F 51 21.14 -28.19 -6.10
N GLY F 52 20.22 -28.09 -7.04
CA GLY F 52 19.67 -29.27 -7.75
C GLY F 52 20.82 -30.06 -8.42
N THR F 53 21.70 -29.29 -9.01
CA THR F 53 22.93 -29.91 -9.63
C THR F 53 23.86 -30.59 -8.65
N ARG F 54 24.21 -29.96 -7.55
CA ARG F 54 25.15 -30.52 -6.56
C ARG F 54 24.60 -31.86 -6.01
N VAL F 55 23.26 -32.01 -5.88
CA VAL F 55 22.70 -33.28 -5.39
C VAL F 55 22.94 -34.37 -6.45
N ARG F 56 22.86 -34.06 -7.71
CA ARG F 56 23.14 -35.07 -8.76
C ARG F 56 24.59 -35.52 -8.77
N ILE F 57 25.45 -34.53 -8.56
CA ILE F 57 26.89 -34.81 -8.49
C ILE F 57 27.21 -35.74 -7.34
N VAL F 58 26.78 -35.37 -6.15
CA VAL F 58 27.10 -36.24 -4.95
C VAL F 58 26.52 -37.64 -5.20
N GLU F 59 25.26 -37.73 -5.71
CA GLU F 59 24.64 -39.05 -5.86
C GLU F 59 25.48 -39.94 -6.82
N GLU F 60 25.88 -39.40 -7.93
CA GLU F 60 26.65 -40.21 -8.92
C GLU F 60 28.05 -40.52 -8.47
N LEU F 61 28.73 -39.66 -7.73
CA LEU F 61 30.06 -39.94 -7.17
C LEU F 61 29.94 -41.18 -6.24
N LEU F 62 28.92 -41.10 -5.36
CA LEU F 62 28.65 -42.20 -4.45
C LEU F 62 28.28 -43.46 -5.21
N ARG F 63 27.55 -43.46 -6.27
CA ARG F 63 27.14 -44.67 -7.03
C ARG F 63 28.36 -45.34 -7.68
N GLY F 64 29.27 -44.55 -8.22
CA GLY F 64 30.56 -45.05 -8.72
C GLY F 64 30.48 -45.94 -9.95
N GLU F 65 29.52 -45.70 -10.83
CA GLU F 65 29.42 -46.38 -12.10
C GLU F 65 29.88 -45.55 -13.26
N MET F 66 30.25 -44.29 -13.03
CA MET F 66 30.72 -43.48 -14.20
C MET F 66 32.10 -42.91 -13.79
N SER F 67 32.97 -42.67 -14.71
CA SER F 67 34.23 -41.92 -14.32
C SER F 67 33.86 -40.44 -14.12
N GLN F 68 34.74 -39.66 -13.53
CA GLN F 68 34.38 -38.21 -13.30
C GLN F 68 34.30 -37.52 -14.64
N ARG F 69 35.07 -37.93 -15.63
CA ARG F 69 34.97 -37.31 -16.96
C ARG F 69 33.60 -37.62 -17.56
N GLU F 70 33.12 -38.84 -17.48
CA GLU F 70 31.81 -39.25 -17.99
C GLU F 70 30.68 -38.42 -17.36
N LEU F 71 30.73 -38.30 -16.07
CA LEU F 71 29.80 -37.54 -15.23
C LEU F 71 29.77 -36.08 -15.63
N LYS F 72 30.94 -35.43 -15.78
CA LYS F 72 30.84 -33.99 -16.20
C LYS F 72 30.19 -33.81 -17.56
N ASN F 73 30.45 -34.69 -18.49
CA ASN F 73 29.84 -34.67 -19.83
C ASN F 73 28.34 -34.98 -19.74
N GLU F 74 27.92 -35.85 -18.86
CA GLU F 74 26.47 -36.10 -18.66
C GLU F 74 25.80 -34.81 -18.20
N LEU F 75 26.41 -34.14 -17.23
CA LEU F 75 25.82 -32.96 -16.61
C LEU F 75 25.94 -31.66 -17.40
N GLY F 76 26.97 -31.61 -18.21
CA GLY F 76 27.39 -30.43 -19.00
C GLY F 76 28.11 -29.49 -18.01
N ALA F 77 28.72 -30.10 -16.98
CA ALA F 77 29.44 -29.36 -15.95
C ALA F 77 30.97 -29.27 -16.26
N GLY F 78 31.58 -28.41 -15.46
CA GLY F 78 33.09 -28.28 -15.53
C GLY F 78 33.67 -29.36 -14.61
N ILE F 79 34.80 -29.96 -14.99
CA ILE F 79 35.40 -30.99 -14.12
C ILE F 79 35.71 -30.45 -12.73
N ALA F 80 35.99 -29.15 -12.60
CA ALA F 80 36.27 -28.59 -11.26
C ALA F 80 35.07 -28.70 -10.33
N THR F 81 33.87 -28.62 -10.90
CA THR F 81 32.65 -28.74 -10.07
C THR F 81 32.52 -30.15 -9.51
N ILE F 82 32.86 -31.15 -10.31
CA ILE F 82 32.88 -32.57 -9.78
C ILE F 82 33.88 -32.70 -8.64
N THR F 83 35.09 -32.16 -8.89
CA THR F 83 36.16 -32.13 -7.92
C THR F 83 35.73 -31.49 -6.58
N ARG F 84 34.87 -30.46 -6.68
CA ARG F 84 34.37 -29.78 -5.45
C ARG F 84 33.50 -30.73 -4.65
N GLY F 85 32.73 -31.47 -5.41
CA GLY F 85 31.81 -32.49 -4.81
C GLY F 85 32.63 -33.59 -4.13
N SER F 86 33.66 -34.04 -4.87
CA SER F 86 34.56 -35.09 -4.36
C SER F 86 35.22 -34.67 -3.06
N ASN F 87 35.85 -33.50 -3.11
CA ASN F 87 36.53 -32.92 -1.93
C ASN F 87 35.55 -32.69 -0.78
N SER F 88 34.34 -32.22 -1.07
CA SER F 88 33.35 -32.04 0.04
C SER F 88 32.94 -33.36 0.65
N LEU F 89 32.75 -34.42 -0.13
CA LEU F 89 32.43 -35.74 0.45
C LEU F 89 33.58 -36.23 1.34
N LYS F 90 34.85 -36.07 0.94
CA LYS F 90 36.01 -36.47 1.80
C LYS F 90 36.03 -35.75 3.13
N ALA F 91 35.43 -34.56 3.21
CA ALA F 91 35.45 -33.80 4.47
C ALA F 91 34.22 -34.12 5.36
N ALA F 92 33.24 -34.77 4.83
CA ALA F 92 31.97 -35.05 5.56
C ALA F 92 32.21 -36.21 6.52
N PRO F 93 31.47 -36.22 7.62
CA PRO F 93 31.53 -37.34 8.55
C PRO F 93 31.10 -38.65 7.93
N VAL F 94 31.79 -39.73 8.32
CA VAL F 94 31.45 -41.07 7.77
C VAL F 94 29.96 -41.34 7.90
N GLU F 95 29.31 -41.01 8.99
CA GLU F 95 27.89 -41.31 9.20
C GLU F 95 27.00 -40.65 8.16
N LEU F 96 27.33 -39.42 7.78
CA LEU F 96 26.63 -38.73 6.67
C LEU F 96 26.76 -39.46 5.35
N ARG F 97 28.01 -39.87 5.00
CA ARG F 97 28.24 -40.55 3.70
C ARG F 97 27.44 -41.86 3.70
N GLN F 98 27.47 -42.58 4.81
CA GLN F 98 26.73 -43.89 4.80
C GLN F 98 25.20 -43.57 4.63
N TRP F 99 24.72 -42.60 5.36
CA TRP F 99 23.28 -42.12 5.29
C TRP F 99 22.92 -41.74 3.89
N LEU F 100 23.70 -40.90 3.18
CA LEU F 100 23.46 -40.63 1.76
C LEU F 100 23.41 -41.90 0.90
N GLU F 101 24.36 -42.83 1.07
CA GLU F 101 24.31 -44.05 0.22
C GLU F 101 23.02 -44.80 0.42
N GLU F 102 22.57 -44.89 1.65
CA GLU F 102 21.27 -45.55 1.97
C GLU F 102 20.10 -44.84 1.25
N VAL F 103 19.95 -43.56 1.49
CA VAL F 103 18.85 -42.76 0.91
C VAL F 103 18.86 -42.57 -0.57
N LEU F 104 19.98 -42.25 -1.20
CA LEU F 104 20.10 -41.90 -2.60
C LEU F 104 20.12 -43.11 -3.55
N LEU F 105 20.72 -44.17 -3.06
CA LEU F 105 20.92 -45.38 -3.82
C LEU F 105 19.84 -46.43 -3.61
N LYS F 106 18.71 -46.04 -3.04
CA LYS F 106 17.48 -46.82 -2.93
C LYS F 106 16.65 -46.67 -1.68
N SER F 107 15.67 -47.56 -1.55
CA SER F 107 14.89 -47.86 -0.39
C SER F 107 13.92 -46.87 0.22
N ASP F 108 14.43 -45.66 0.44
CA ASP F 108 13.75 -44.60 1.11
C ASP F 108 12.24 -44.47 1.02
N ALA G 12 -7.59 32.85 -14.92
CA ALA G 12 -7.51 32.33 -16.29
C ALA G 12 -8.62 31.34 -16.59
N GLU G 13 -8.70 30.97 -17.87
CA GLU G 13 -9.69 29.99 -18.34
C GLU G 13 -9.64 28.75 -17.45
N GLU G 14 -8.44 28.49 -16.98
CA GLU G 14 -8.24 27.35 -16.05
C GLU G 14 -9.38 27.45 -15.01
N ARG G 15 -9.29 28.55 -14.29
CA ARG G 15 -10.22 28.92 -13.23
C ARG G 15 -11.69 28.77 -13.60
N HIS G 16 -12.06 29.29 -14.75
CA HIS G 16 -13.49 29.29 -15.14
C HIS G 16 -13.94 27.88 -15.47
N GLN G 17 -12.98 27.11 -16.00
CA GLN G 17 -13.24 25.72 -16.36
C GLN G 17 -13.30 24.69 -15.27
N GLU G 18 -12.53 24.84 -14.20
CA GLU G 18 -12.56 23.85 -13.12
C GLU G 18 -13.72 24.03 -12.14
N TRP G 19 -14.21 25.26 -12.04
CA TRP G 19 -15.37 25.59 -11.17
C TRP G 19 -16.63 24.89 -11.71
N LEU G 20 -16.78 25.04 -13.01
CA LEU G 20 -17.90 24.51 -13.80
C LEU G 20 -17.81 22.99 -13.79
N ARG G 21 -16.57 22.51 -13.63
CA ARG G 21 -16.32 21.07 -13.52
C ARG G 21 -16.83 20.57 -12.19
N PHE G 22 -16.50 21.33 -11.16
CA PHE G 22 -16.95 20.94 -9.78
C PHE G 22 -18.50 20.88 -9.81
N VAL G 23 -19.08 21.88 -10.44
CA VAL G 23 -20.56 22.09 -10.44
C VAL G 23 -21.23 20.85 -11.00
N ASP G 24 -20.73 20.38 -12.13
CA ASP G 24 -21.20 19.16 -12.84
C ASP G 24 -21.11 17.90 -11.97
N LEU G 25 -19.91 17.59 -11.49
CA LEU G 25 -19.64 16.51 -10.56
C LEU G 25 -20.62 16.44 -9.40
N LEU G 26 -20.87 17.57 -8.72
CA LEU G 26 -21.79 17.50 -7.55
C LEU G 26 -23.18 17.01 -7.98
N LYS G 27 -23.61 17.55 -9.11
CA LYS G 27 -24.91 17.24 -9.72
C LYS G 27 -25.02 15.73 -9.94
N ASN G 28 -24.02 15.15 -10.57
CA ASN G 28 -23.96 13.68 -10.75
C ASN G 28 -24.01 12.98 -9.40
N ALA G 29 -23.17 13.47 -8.50
CA ALA G 29 -23.17 12.90 -7.13
C ALA G 29 -24.56 12.90 -6.52
N TYR G 30 -25.32 13.99 -6.71
CA TYR G 30 -26.68 14.06 -6.14
C TYR G 30 -27.54 12.93 -6.71
N GLN G 31 -27.40 12.73 -8.01
CA GLN G 31 -28.12 11.66 -8.73
C GLN G 31 -27.75 10.26 -8.30
N ASN G 32 -26.53 10.05 -7.89
CA ASN G 32 -26.04 8.73 -7.46
C ASN G 32 -26.11 8.61 -5.94
N ASP G 33 -26.57 9.69 -5.33
CA ASP G 33 -26.68 9.69 -3.85
C ASP G 33 -25.31 9.70 -3.17
N LEU G 34 -24.31 10.16 -3.91
CA LEU G 34 -22.95 10.31 -3.42
C LEU G 34 -22.61 11.75 -2.99
N HIS G 35 -23.65 12.53 -2.76
CA HIS G 35 -23.50 13.93 -2.41
C HIS G 35 -22.76 14.18 -1.10
N LEU G 36 -23.17 13.52 -0.04
CA LEU G 36 -22.65 13.66 1.29
C LEU G 36 -21.17 13.29 1.40
N PRO G 37 -20.84 12.11 0.92
CA PRO G 37 -19.44 11.64 0.97
C PRO G 37 -18.58 12.59 0.18
N LEU G 38 -19.09 13.02 -0.97
CA LEU G 38 -18.31 13.95 -1.81
C LEU G 38 -17.98 15.28 -1.12
N LEU G 39 -18.97 15.85 -0.47
CA LEU G 39 -18.82 17.17 0.19
C LEU G 39 -17.90 16.96 1.40
N ASN G 40 -18.00 15.76 1.97
CA ASN G 40 -17.08 15.40 3.07
C ASN G 40 -15.65 15.38 2.61
N LEU G 41 -15.42 15.02 1.36
CA LEU G 41 -14.07 14.97 0.77
C LEU G 41 -13.60 16.36 0.34
N MET G 42 -14.49 17.14 -0.29
CA MET G 42 -14.10 18.37 -0.95
C MET G 42 -14.06 19.63 -0.10
N LEU G 43 -14.73 19.63 1.04
CA LEU G 43 -14.78 20.86 1.89
C LEU G 43 -14.17 20.50 3.25
N THR G 44 -13.68 21.52 3.96
CA THR G 44 -13.25 21.25 5.36
C THR G 44 -14.42 21.42 6.31
N PRO G 45 -14.32 20.89 7.51
CA PRO G 45 -15.35 21.03 8.55
C PRO G 45 -15.72 22.50 8.81
N ASP G 46 -14.70 23.32 8.94
CA ASP G 46 -14.83 24.77 9.15
C ASP G 46 -15.66 25.41 8.00
N GLU G 47 -15.34 24.99 6.80
CA GLU G 47 -16.12 25.48 5.64
C GLU G 47 -17.57 25.01 5.70
N ARG G 48 -17.81 23.76 6.08
CA ARG G 48 -19.19 23.23 6.17
C ARG G 48 -19.96 24.00 7.21
N GLU G 49 -19.28 24.22 8.34
CA GLU G 49 -19.91 25.01 9.40
C GLU G 49 -20.27 26.44 8.96
N ALA G 50 -19.39 27.09 8.20
CA ALA G 50 -19.60 28.46 7.72
C ALA G 50 -20.80 28.49 6.79
N LEU G 51 -20.87 27.59 5.83
CA LEU G 51 -22.07 27.50 4.99
C LEU G 51 -23.39 27.31 5.71
N GLY G 52 -23.49 26.60 6.80
CA GLY G 52 -24.73 26.36 7.53
C GLY G 52 -25.16 27.69 8.20
N THR G 53 -24.18 28.49 8.56
CA THR G 53 -24.45 29.82 9.15
C THR G 53 -24.98 30.79 8.07
N ARG G 54 -24.36 30.76 6.92
CA ARG G 54 -24.79 31.58 5.77
C ARG G 54 -26.24 31.33 5.45
N VAL G 55 -26.68 30.06 5.50
CA VAL G 55 -28.06 29.69 5.15
C VAL G 55 -28.99 30.29 6.24
N ARG G 56 -28.66 30.22 7.48
CA ARG G 56 -29.48 30.83 8.55
C ARG G 56 -29.61 32.36 8.28
N ILE G 57 -28.50 33.00 8.02
CA ILE G 57 -28.46 34.42 7.67
C ILE G 57 -29.44 34.84 6.58
N VAL G 58 -29.33 34.20 5.41
CA VAL G 58 -30.23 34.49 4.28
C VAL G 58 -31.70 34.33 4.71
N GLU G 59 -31.97 33.20 5.36
CA GLU G 59 -33.35 32.85 5.67
C GLU G 59 -33.96 33.87 6.63
N GLU G 60 -33.22 34.17 7.71
CA GLU G 60 -33.68 35.24 8.62
C GLU G 60 -33.83 36.60 7.97
N LEU G 61 -32.91 37.01 7.10
CA LEU G 61 -33.01 38.30 6.40
C LEU G 61 -34.30 38.34 5.55
N LEU G 62 -34.68 37.20 4.98
CA LEU G 62 -35.85 37.10 4.12
C LEU G 62 -37.09 37.05 5.03
N ARG G 63 -36.99 36.41 6.15
CA ARG G 63 -38.10 36.29 7.09
C ARG G 63 -38.58 37.69 7.58
N GLY G 64 -37.62 38.53 7.91
CA GLY G 64 -37.87 39.93 8.34
C GLY G 64 -38.51 40.08 9.68
N GLU G 65 -38.46 39.11 10.57
CA GLU G 65 -39.04 39.15 11.89
C GLU G 65 -38.07 39.60 12.95
N MET G 66 -36.77 39.48 12.70
CA MET G 66 -35.77 39.98 13.70
C MET G 66 -35.03 41.19 13.14
N SER G 67 -34.55 42.08 14.03
CA SER G 67 -33.65 43.13 13.42
C SER G 67 -32.25 42.49 13.22
N GLN G 68 -31.42 43.16 12.43
CA GLN G 68 -30.04 42.71 12.14
C GLN G 68 -29.25 42.54 13.46
N ARG G 69 -29.46 43.41 14.44
CA ARG G 69 -28.79 43.30 15.77
C ARG G 69 -29.31 42.09 16.53
N GLU G 70 -30.60 41.81 16.45
CA GLU G 70 -31.13 40.59 17.14
C GLU G 70 -30.56 39.34 16.45
N LEU G 71 -30.46 39.35 15.15
CA LEU G 71 -29.99 38.12 14.43
C LEU G 71 -28.52 37.89 14.86
N LYS G 72 -27.78 38.97 14.85
CA LYS G 72 -26.34 38.91 15.23
C LYS G 72 -26.13 38.32 16.59
N ASN G 73 -27.02 38.61 17.52
CA ASN G 73 -27.05 38.12 18.88
C ASN G 73 -27.46 36.65 18.95
N GLU G 74 -28.38 36.22 18.15
CA GLU G 74 -28.90 34.84 18.11
C GLU G 74 -27.87 33.84 17.55
N LEU G 75 -27.04 34.30 16.65
CA LEU G 75 -26.02 33.52 15.97
C LEU G 75 -24.63 33.57 16.58
N GLY G 76 -24.32 34.54 17.42
CA GLY G 76 -22.93 34.77 17.85
C GLY G 76 -22.11 35.25 16.65
N ALA G 77 -22.67 36.07 15.77
CA ALA G 77 -21.92 36.50 14.55
C ALA G 77 -21.46 37.96 14.70
N GLY G 78 -20.62 38.42 13.81
CA GLY G 78 -20.24 39.85 13.71
C GLY G 78 -21.31 40.45 12.78
N ILE G 79 -21.73 41.69 13.05
CA ILE G 79 -22.79 42.34 12.22
C ILE G 79 -22.37 42.41 10.79
N ALA G 80 -21.03 42.50 10.56
CA ALA G 80 -20.46 42.60 9.23
C ALA G 80 -20.86 41.36 8.39
N THR G 81 -20.97 40.25 9.09
CA THR G 81 -21.35 38.97 8.38
C THR G 81 -22.78 39.03 7.88
N ILE G 82 -23.64 39.61 8.71
CA ILE G 82 -25.05 39.82 8.33
C ILE G 82 -25.13 40.79 7.15
N THR G 83 -24.51 41.96 7.32
CA THR G 83 -24.37 42.88 6.15
C THR G 83 -24.00 42.17 4.87
N ARG G 84 -22.92 41.34 5.00
CA ARG G 84 -22.44 40.62 3.81
C ARG G 84 -23.57 39.76 3.19
N GLY G 85 -24.40 39.19 4.03
CA GLY G 85 -25.57 38.40 3.56
C GLY G 85 -26.53 39.39 2.82
N SER G 86 -26.84 40.48 3.50
CA SER G 86 -27.72 41.54 2.93
C SER G 86 -27.24 41.96 1.55
N ASN G 87 -25.97 42.32 1.45
CA ASN G 87 -25.40 42.85 0.19
C ASN G 87 -25.44 41.79 -0.88
N SER G 88 -25.16 40.55 -0.48
CA SER G 88 -25.24 39.47 -1.53
C SER G 88 -26.67 39.33 -2.02
N LEU G 89 -27.68 39.33 -1.16
CA LEU G 89 -29.10 39.24 -1.64
C LEU G 89 -29.45 40.40 -2.58
N LYS G 90 -28.90 41.58 -2.27
CA LYS G 90 -29.13 42.72 -3.18
C LYS G 90 -28.65 42.43 -4.58
N ALA G 91 -27.45 41.80 -4.61
CA ALA G 91 -26.85 41.49 -5.92
C ALA G 91 -27.51 40.32 -6.59
N ALA G 92 -28.35 39.54 -5.94
CA ALA G 92 -28.93 38.35 -6.67
C ALA G 92 -30.16 38.66 -7.50
N PRO G 93 -30.45 37.83 -8.49
CA PRO G 93 -31.58 38.07 -9.40
C PRO G 93 -32.87 38.10 -8.57
N VAL G 94 -33.85 38.89 -9.02
CA VAL G 94 -35.16 38.86 -8.30
C VAL G 94 -35.74 37.44 -8.25
N GLU G 95 -35.65 36.67 -9.31
CA GLU G 95 -36.09 35.29 -9.47
C GLU G 95 -35.55 34.33 -8.41
N LEU G 96 -34.27 34.48 -8.08
CA LEU G 96 -33.65 33.70 -6.98
C LEU G 96 -34.21 34.12 -5.62
N ARG G 97 -34.34 35.44 -5.35
CA ARG G 97 -34.91 35.83 -4.06
C ARG G 97 -36.29 35.29 -3.82
N GLN G 98 -37.12 35.28 -4.85
CA GLN G 98 -38.55 34.85 -4.74
C GLN G 98 -38.59 33.32 -4.51
N TRP G 99 -37.71 32.62 -5.23
CA TRP G 99 -37.51 31.18 -5.04
C TRP G 99 -37.12 30.89 -3.63
N LEU G 100 -36.09 31.57 -3.12
CA LEU G 100 -35.69 31.38 -1.73
C LEU G 100 -36.81 31.56 -0.72
N GLU G 101 -37.57 32.65 -0.82
CA GLU G 101 -38.66 32.86 0.19
C GLU G 101 -39.65 31.69 0.16
N GLU G 102 -39.86 31.22 -1.05
CA GLU G 102 -40.79 30.13 -1.37
C GLU G 102 -40.38 28.79 -0.84
N VAL G 103 -39.10 28.46 -0.83
CA VAL G 103 -38.56 27.19 -0.32
C VAL G 103 -38.17 27.19 1.13
N LEU G 104 -37.55 28.25 1.62
CA LEU G 104 -37.12 28.35 3.00
C LEU G 104 -38.23 28.63 4.01
N LEU G 105 -39.16 29.48 3.60
CA LEU G 105 -40.20 30.02 4.49
C LEU G 105 -41.53 29.32 4.30
N LYS G 106 -42.42 29.63 5.22
CA LYS G 106 -43.78 29.04 5.24
C LYS G 106 -43.69 27.60 4.69
N SER G 107 -42.43 27.21 4.63
CA SER G 107 -41.98 25.90 4.18
C SER G 107 -42.81 25.34 3.04
N ASP G 108 -42.22 25.46 1.86
CA ASP G 108 -42.82 24.95 0.62
C ASP G 108 -43.76 23.78 0.94
N SER H 5 -19.11 16.79 24.95
CA SER H 5 -19.92 16.19 26.02
C SER H 5 -21.39 16.45 25.74
N PRO H 6 -22.21 16.36 26.75
CA PRO H 6 -23.67 16.55 26.64
C PRO H 6 -24.07 17.82 25.92
N TYR H 7 -23.65 18.94 26.48
CA TYR H 7 -23.91 20.26 25.83
C TYR H 7 -23.08 20.31 24.54
N SER H 8 -21.89 19.74 24.63
CA SER H 8 -20.95 19.64 23.50
C SER H 8 -21.61 18.93 22.31
N ALA H 9 -22.13 17.75 22.61
CA ALA H 9 -22.79 16.89 21.62
C ALA H 9 -24.05 17.52 21.03
N ALA H 10 -24.75 18.28 21.86
CA ALA H 10 -25.99 18.98 21.44
C ALA H 10 -25.65 20.09 20.43
N MET H 11 -24.60 20.81 20.81
CA MET H 11 -24.13 21.92 19.98
C MET H 11 -23.73 21.41 18.60
N ALA H 12 -22.93 20.35 18.59
CA ALA H 12 -22.45 19.72 17.33
C ALA H 12 -23.63 19.30 16.45
N GLU H 13 -24.70 18.87 17.12
CA GLU H 13 -25.92 18.43 16.43
C GLU H 13 -26.70 19.56 15.77
N GLU H 14 -26.69 20.71 16.41
CA GLU H 14 -27.36 21.91 15.89
C GLU H 14 -26.63 22.40 14.65
N ARG H 15 -25.29 22.38 14.68
CA ARG H 15 -24.48 22.76 13.52
C ARG H 15 -24.71 21.83 12.33
N HIS H 16 -24.79 20.55 12.68
CA HIS H 16 -24.96 19.48 11.70
C HIS H 16 -26.28 19.63 10.94
N GLN H 17 -27.29 20.08 11.66
CA GLN H 17 -28.64 20.30 11.04
C GLN H 17 -28.63 21.47 10.08
N GLU H 18 -27.93 22.53 10.45
CA GLU H 18 -27.77 23.72 9.57
C GLU H 18 -27.06 23.36 8.29
N TRP H 19 -25.97 22.60 8.40
CA TRP H 19 -25.21 22.12 7.20
C TRP H 19 -26.13 21.33 6.28
N LEU H 20 -26.96 20.49 6.85
CA LEU H 20 -27.91 19.63 6.12
C LEU H 20 -28.95 20.45 5.36
N ARG H 21 -29.35 21.55 6.04
CA ARG H 21 -30.32 22.49 5.43
C ARG H 21 -29.74 23.03 4.14
N PHE H 22 -28.42 23.28 4.14
CA PHE H 22 -27.74 23.76 2.95
C PHE H 22 -27.72 22.75 1.82
N VAL H 23 -27.45 21.50 2.23
CA VAL H 23 -27.28 20.44 1.19
C VAL H 23 -28.63 20.20 0.49
N ASP H 24 -29.66 20.23 1.28
CA ASP H 24 -31.05 20.10 0.81
C ASP H 24 -31.49 21.25 -0.10
N LEU H 25 -31.09 22.45 0.31
CA LEU H 25 -31.45 23.67 -0.46
C LEU H 25 -30.83 23.65 -1.83
N LEU H 26 -29.58 23.18 -1.87
CA LEU H 26 -28.78 23.13 -3.10
C LEU H 26 -29.33 22.04 -4.03
N LYS H 27 -29.77 20.97 -3.38
CA LYS H 27 -30.37 19.86 -4.22
C LYS H 27 -31.57 20.43 -5.01
N ASN H 28 -32.45 21.08 -4.22
CA ASN H 28 -33.67 21.72 -4.81
C ASN H 28 -33.31 22.66 -5.94
N ALA H 29 -32.28 23.46 -5.72
CA ALA H 29 -31.78 24.38 -6.74
C ALA H 29 -31.48 23.64 -8.04
N TYR H 30 -30.67 22.59 -7.92
CA TYR H 30 -30.31 21.74 -9.07
C TYR H 30 -31.59 21.31 -9.82
N GLN H 31 -32.57 20.86 -9.03
CA GLN H 31 -33.88 20.49 -9.58
C GLN H 31 -34.54 21.67 -10.28
N ASN H 32 -34.24 22.91 -9.92
CA ASN H 32 -34.88 24.06 -10.56
C ASN H 32 -34.09 24.80 -11.63
N ASP H 33 -32.82 24.46 -11.76
CA ASP H 33 -31.92 25.19 -12.65
C ASP H 33 -31.50 26.51 -11.99
N LEU H 34 -31.58 26.60 -10.69
CA LEU H 34 -31.10 27.82 -9.99
C LEU H 34 -29.80 27.56 -9.23
N HIS H 35 -29.10 26.46 -9.57
CA HIS H 35 -27.82 26.13 -8.91
C HIS H 35 -26.72 27.13 -9.19
N LEU H 36 -26.61 27.73 -10.35
CA LEU H 36 -25.54 28.69 -10.64
C LEU H 36 -25.68 29.94 -9.76
N PRO H 37 -26.87 30.54 -9.77
CA PRO H 37 -27.12 31.76 -8.97
C PRO H 37 -27.08 31.45 -7.48
N LEU H 38 -27.53 30.32 -7.01
CA LEU H 38 -27.41 29.94 -5.61
C LEU H 38 -25.94 29.96 -5.15
N LEU H 39 -25.10 29.35 -6.00
CA LEU H 39 -23.67 29.18 -5.57
C LEU H 39 -22.94 30.52 -5.66
N ASN H 40 -23.37 31.36 -6.59
CA ASN H 40 -22.80 32.73 -6.65
C ASN H 40 -23.14 33.44 -5.34
N LEU H 41 -24.33 33.22 -4.83
CA LEU H 41 -24.78 33.85 -3.59
C LEU H 41 -24.04 33.35 -2.36
N MET H 42 -24.03 32.01 -2.23
CA MET H 42 -23.61 31.30 -1.03
C MET H 42 -22.08 31.17 -0.84
N LEU H 43 -21.36 31.35 -1.90
CA LEU H 43 -19.87 31.19 -1.82
C LEU H 43 -19.25 32.49 -2.30
N THR H 44 -17.99 32.72 -1.87
CA THR H 44 -17.17 33.82 -2.36
C THR H 44 -16.31 33.38 -3.56
N PRO H 45 -15.99 34.35 -4.40
CA PRO H 45 -15.17 34.04 -5.57
C PRO H 45 -13.95 33.20 -5.20
N ASP H 46 -13.23 33.56 -4.16
CA ASP H 46 -11.98 32.84 -3.79
C ASP H 46 -12.31 31.40 -3.41
N GLU H 47 -13.46 31.20 -2.74
CA GLU H 47 -13.90 29.87 -2.33
C GLU H 47 -14.20 29.05 -3.57
N ARG H 48 -14.81 29.67 -4.59
CA ARG H 48 -15.10 28.97 -5.84
C ARG H 48 -13.76 28.55 -6.48
N GLU H 49 -12.80 29.46 -6.50
CA GLU H 49 -11.48 29.21 -7.16
C GLU H 49 -10.76 27.99 -6.57
N ALA H 50 -10.70 27.95 -5.27
CA ALA H 50 -10.14 26.93 -4.44
C ALA H 50 -10.80 25.58 -4.73
N LEU H 51 -12.11 25.57 -4.90
CA LEU H 51 -12.78 24.27 -5.16
C LEU H 51 -12.39 23.72 -6.52
N GLY H 52 -12.23 24.63 -7.46
CA GLY H 52 -11.87 24.33 -8.83
C GLY H 52 -10.54 23.55 -8.84
N THR H 53 -9.65 23.95 -7.95
CA THR H 53 -8.30 23.39 -7.80
C THR H 53 -8.34 22.05 -7.10
N ARG H 54 -9.22 21.99 -6.11
CA ARG H 54 -9.38 20.79 -5.30
C ARG H 54 -9.70 19.60 -6.19
N VAL H 55 -10.69 19.77 -7.04
CA VAL H 55 -11.14 18.71 -7.96
C VAL H 55 -9.96 18.27 -8.84
N ARG H 56 -9.24 19.20 -9.40
CA ARG H 56 -8.07 18.94 -10.23
C ARG H 56 -7.10 17.98 -9.53
N ILE H 57 -6.67 18.34 -8.33
CA ILE H 57 -5.73 17.54 -7.56
C ILE H 57 -6.23 16.10 -7.46
N VAL H 58 -7.51 15.99 -7.15
CA VAL H 58 -8.19 14.71 -6.94
C VAL H 58 -8.21 13.91 -8.24
N GLU H 59 -8.49 14.60 -9.33
CA GLU H 59 -8.51 13.98 -10.65
C GLU H 59 -7.14 13.43 -11.03
N GLU H 60 -6.10 14.18 -10.72
CA GLU H 60 -4.72 13.81 -10.99
C GLU H 60 -4.16 12.78 -10.04
N LEU H 61 -4.54 12.79 -8.77
CA LEU H 61 -4.14 11.75 -7.82
C LEU H 61 -4.60 10.38 -8.32
N LEU H 62 -5.92 10.23 -8.42
CA LEU H 62 -6.57 8.99 -8.85
C LEU H 62 -5.96 8.44 -10.14
N ARG H 63 -5.70 9.37 -11.04
CA ARG H 63 -5.16 9.09 -12.37
C ARG H 63 -3.76 8.54 -12.34
N GLY H 64 -2.93 9.00 -11.44
CA GLY H 64 -1.57 8.56 -11.20
C GLY H 64 -0.62 8.57 -12.38
N GLU H 65 -0.64 9.63 -13.15
CA GLU H 65 0.21 9.87 -14.31
C GLU H 65 1.44 10.70 -13.96
N MET H 66 1.25 11.82 -13.28
CA MET H 66 2.33 12.75 -12.89
C MET H 66 2.68 12.53 -11.42
N SER H 67 3.82 13.05 -10.99
CA SER H 67 4.24 12.89 -9.58
C SER H 67 3.65 14.09 -8.79
N GLN H 68 3.76 14.00 -7.47
CA GLN H 68 3.19 15.04 -6.59
C GLN H 68 3.88 16.38 -6.79
N ARG H 69 5.15 16.31 -7.17
CA ARG H 69 5.97 17.50 -7.44
C ARG H 69 5.56 18.09 -8.78
N GLU H 70 5.26 17.16 -9.69
CA GLU H 70 4.81 17.58 -11.03
C GLU H 70 3.41 18.23 -10.89
N LEU H 71 2.59 17.64 -10.02
CA LEU H 71 1.21 18.15 -9.86
C LEU H 71 1.29 19.63 -9.49
N LYS H 72 1.95 19.84 -8.37
CA LYS H 72 2.22 21.12 -7.77
C LYS H 72 2.67 22.21 -8.71
N ASN H 73 3.44 21.87 -9.71
CA ASN H 73 4.03 22.83 -10.64
C ASN H 73 3.02 23.38 -11.64
N GLU H 74 2.20 22.44 -12.11
CA GLU H 74 1.18 22.73 -13.13
C GLU H 74 0.15 23.73 -12.60
N LEU H 75 -0.21 23.54 -11.36
CA LEU H 75 -1.19 24.31 -10.63
C LEU H 75 -0.65 25.48 -9.80
N GLY H 76 0.65 25.64 -9.72
CA GLY H 76 1.23 26.70 -8.85
C GLY H 76 0.70 26.55 -7.43
N ALA H 77 0.52 25.33 -6.97
CA ALA H 77 0.04 25.04 -5.61
C ALA H 77 1.19 24.55 -4.73
N GLY H 78 1.06 24.74 -3.44
CA GLY H 78 2.03 24.21 -2.46
C GLY H 78 1.80 22.69 -2.33
N ILE H 79 2.93 22.01 -2.09
CA ILE H 79 2.94 20.58 -1.87
C ILE H 79 1.94 20.14 -0.82
N ALA H 80 1.80 20.97 0.22
CA ALA H 80 0.98 20.61 1.36
C ALA H 80 -0.50 20.43 1.02
N THR H 81 -0.91 20.99 -0.07
CA THR H 81 -2.28 21.04 -0.58
C THR H 81 -2.58 19.71 -1.31
N ILE H 82 -1.52 19.24 -1.94
CA ILE H 82 -1.55 17.97 -2.70
C ILE H 82 -1.71 16.82 -1.71
N THR H 83 -0.95 16.93 -0.64
CA THR H 83 -0.94 15.97 0.47
C THR H 83 -2.29 15.94 1.16
N ARG H 84 -2.86 17.15 1.23
CA ARG H 84 -4.23 17.29 1.79
C ARG H 84 -5.17 16.43 0.94
N GLY H 85 -5.10 16.58 -0.35
CA GLY H 85 -5.89 15.84 -1.33
C GLY H 85 -5.70 14.34 -1.07
N SER H 86 -4.41 13.99 -1.02
CA SER H 86 -4.01 12.57 -0.84
C SER H 86 -4.67 11.99 0.38
N ASN H 87 -4.43 12.66 1.51
CA ASN H 87 -4.94 12.21 2.79
C ASN H 87 -6.47 12.13 2.78
N SER H 88 -7.10 13.00 2.01
CA SER H 88 -8.58 13.00 2.04
C SER H 88 -9.17 11.82 1.30
N LEU H 89 -8.58 11.52 0.19
CA LEU H 89 -8.84 10.40 -0.70
C LEU H 89 -8.78 9.03 0.01
N LYS H 90 -7.81 8.81 0.87
CA LYS H 90 -7.56 7.60 1.65
C LYS H 90 -8.70 7.31 2.61
N ALA H 91 -9.17 8.35 3.28
CA ALA H 91 -10.26 8.31 4.24
C ALA H 91 -11.63 8.31 3.56
N ALA H 92 -11.65 8.33 2.26
CA ALA H 92 -12.89 8.32 1.48
C ALA H 92 -13.39 6.89 1.38
N PRO H 93 -14.70 6.73 1.54
CA PRO H 93 -15.37 5.42 1.40
C PRO H 93 -15.00 4.83 0.04
N VAL H 94 -15.02 3.50 0.00
CA VAL H 94 -14.71 2.79 -1.25
C VAL H 94 -15.59 3.13 -2.42
N GLU H 95 -16.89 3.14 -2.16
CA GLU H 95 -17.89 3.39 -3.21
C GLU H 95 -17.60 4.72 -3.90
N LEU H 96 -17.36 5.71 -3.02
CA LEU H 96 -17.09 7.05 -3.58
C LEU H 96 -15.84 7.01 -4.45
N ARG H 97 -14.79 6.43 -3.87
CA ARG H 97 -13.48 6.33 -4.54
C ARG H 97 -13.61 5.66 -5.89
N GLN H 98 -14.51 4.69 -5.91
CA GLN H 98 -14.89 3.90 -7.09
C GLN H 98 -15.60 4.78 -8.12
N TRP H 99 -16.66 5.42 -7.62
CA TRP H 99 -17.48 6.33 -8.43
C TRP H 99 -16.62 7.34 -9.18
N LEU H 100 -15.71 7.95 -8.44
CA LEU H 100 -14.76 8.97 -8.84
C LEU H 100 -13.91 8.58 -10.03
N GLU H 101 -13.18 7.48 -9.91
CA GLU H 101 -12.31 7.01 -11.03
C GLU H 101 -13.14 6.76 -12.29
N GLU H 102 -14.26 6.10 -12.05
CA GLU H 102 -15.22 5.78 -13.14
C GLU H 102 -15.68 7.07 -13.80
N VAL H 103 -16.21 7.97 -12.98
CA VAL H 103 -16.72 9.26 -13.45
C VAL H 103 -15.59 10.20 -13.87
N LEU H 104 -14.61 10.33 -12.97
CA LEU H 104 -13.50 11.25 -13.16
C LEU H 104 -12.56 10.80 -14.27
N LEU H 105 -12.16 9.54 -14.21
CA LEU H 105 -11.16 8.95 -15.10
C LEU H 105 -11.80 8.17 -16.25
#